data_8H1W
#
_entry.id   8H1W
#
_cell.length_a   61.612
_cell.length_b   61.612
_cell.length_c   208.349
_cell.angle_alpha   90.000
_cell.angle_beta   90.000
_cell.angle_gamma   90.000
#
_symmetry.space_group_name_H-M   'P 41 21 2'
#
loop_
_entity.id
_entity.type
_entity.pdbx_description
1 polymer 'Serine palmitoyltransferase'
2 non-polymer 1,2-ETHANEDIOL
3 water water
#
_entity_poly.entity_id   1
_entity_poly.type   'polypeptide(L)'
_entity_poly.pdbx_seq_one_letter_code
;MSKGKLGEKISQFKIVEELKAKGLYAYFRPIQSKQDTEVKIDGRRVLMFGSNSYLGLTTDTRIIKAAQDALEKYGTGCAG
SRFLNGTLDIHVELEEKLSAYVGKEAAILFSTGFQSNLGPLSCLMGRNDYILLDERDHASIIDGSRLSFSKVIKYGHNNM
EDLRAKLSRLPEDSAKLICTDGIFSMEGDIVNLPELTSIANEFDAAVMVDDAHSLGVIGHKGAGTASHFGLNDDVDLIMG
TFS(LLP)SLASLGGFVAGDADVIDFLKHNARSVMFSASMTPASVASTLKALEIIQNEPEHIEKLWKNTDYAKAQLLDHG
FDLGATESPILPIFIRSNEKTFWVTKMLQDDGVFVNPVVSPAVPAEESLIRFSLMATHTYDQIDEAIEKMVKVFKQAEVE
TLI
;
_entity_poly.pdbx_strand_id   A
#
loop_
_chem_comp.id
_chem_comp.type
_chem_comp.name
_chem_comp.formula
EDO non-polymer 1,2-ETHANEDIOL 'C2 H6 O2'
#
# COMPACT_ATOMS: atom_id res chain seq x y z
N SER A 2 6.19 34.78 -10.09
CA SER A 2 5.00 35.67 -10.29
C SER A 2 3.75 34.82 -10.26
N LYS A 3 2.60 35.39 -9.83
CA LYS A 3 1.45 34.56 -9.37
C LYS A 3 0.18 34.71 -10.21
N GLY A 4 0.12 35.53 -11.28
CA GLY A 4 -1.17 35.71 -11.98
C GLY A 4 -1.75 34.41 -12.52
N LYS A 5 -1.08 33.77 -13.49
CA LYS A 5 -1.55 32.52 -14.12
C LYS A 5 -1.58 31.40 -13.07
N LEU A 6 -0.64 31.39 -12.13
CA LEU A 6 -0.63 30.33 -11.07
C LEU A 6 -1.92 30.43 -10.24
N GLY A 7 -2.32 31.65 -9.85
CA GLY A 7 -3.60 31.88 -9.16
C GLY A 7 -4.79 31.39 -9.97
N GLU A 8 -4.78 31.58 -11.29
CA GLU A 8 -5.86 31.06 -12.16
C GLU A 8 -5.86 29.52 -12.17
N LYS A 9 -4.70 28.90 -12.12
CA LYS A 9 -4.62 27.42 -12.24
C LYS A 9 -5.35 26.78 -11.05
N ILE A 10 -5.28 27.41 -9.89
CA ILE A 10 -5.80 26.80 -8.62
C ILE A 10 -7.16 27.39 -8.25
N SER A 11 -7.66 28.34 -9.05
CA SER A 11 -8.87 29.16 -8.72
C SER A 11 -10.13 28.29 -8.64
N GLN A 12 -10.23 27.23 -9.41
CA GLN A 12 -11.45 26.38 -9.48
C GLN A 12 -11.45 25.30 -8.39
N PHE A 13 -10.39 25.18 -7.58
CA PHE A 13 -10.31 24.12 -6.55
C PHE A 13 -11.00 24.64 -5.28
N LYS A 14 -12.28 24.32 -5.16
CA LYS A 14 -13.12 24.90 -4.08
C LYS A 14 -13.61 23.85 -3.09
N ILE A 15 -13.43 22.57 -3.34
CA ILE A 15 -14.03 21.54 -2.44
C ILE A 15 -13.49 21.71 -1.03
N VAL A 16 -12.22 22.04 -0.84
CA VAL A 16 -11.74 22.08 0.54
C VAL A 16 -12.33 23.28 1.28
N GLU A 17 -12.33 24.40 0.61
N GLU A 17 -12.39 24.45 0.65
CA GLU A 17 -12.99 25.62 1.08
CA GLU A 17 -13.00 25.65 1.27
C GLU A 17 -14.41 25.30 1.54
C GLU A 17 -14.48 25.34 1.58
N GLU A 18 -15.16 24.61 0.70
CA GLU A 18 -16.60 24.29 0.94
C GLU A 18 -16.70 23.30 2.09
N LEU A 19 -15.87 22.24 2.12
CA LEU A 19 -15.92 21.34 3.29
C LEU A 19 -15.67 22.06 4.61
N LYS A 20 -14.68 22.94 4.67
CA LYS A 20 -14.31 23.69 5.88
C LYS A 20 -15.50 24.55 6.28
N ALA A 21 -16.09 25.27 5.33
CA ALA A 21 -17.17 26.23 5.66
C ALA A 21 -18.41 25.49 6.18
N LYS A 22 -18.64 24.27 5.69
CA LYS A 22 -19.79 23.42 6.13
C LYS A 22 -19.47 22.69 7.42
N GLY A 23 -18.24 22.74 7.92
CA GLY A 23 -17.90 22.01 9.16
C GLY A 23 -17.74 20.52 8.87
N LEU A 24 -17.42 20.13 7.64
CA LEU A 24 -17.29 18.71 7.26
C LEU A 24 -15.82 18.28 7.13
N TYR A 25 -14.87 19.20 7.16
CA TYR A 25 -13.48 18.90 6.74
C TYR A 25 -12.89 17.93 7.76
N ALA A 26 -12.31 16.85 7.25
CA ALA A 26 -11.71 15.81 8.12
C ALA A 26 -10.51 15.18 7.42
N TYR A 27 -9.76 15.98 6.66
CA TYR A 27 -8.45 15.55 6.15
C TYR A 27 -7.40 16.14 7.08
N PHE A 28 -6.21 15.51 7.06
CA PHE A 28 -5.04 15.99 7.82
C PHE A 28 -5.36 16.18 9.31
N ARG A 29 -6.21 15.28 9.84
CA ARG A 29 -6.63 15.32 11.26
C ARG A 29 -5.37 15.23 12.12
N PRO A 30 -5.07 16.19 12.96
CA PRO A 30 -3.82 16.21 13.71
C PRO A 30 -3.84 15.28 14.92
N ILE A 31 -3.28 14.10 14.78
CA ILE A 31 -3.20 13.11 15.89
C ILE A 31 -2.10 13.49 16.89
N GLN A 32 -2.33 13.24 18.17
CA GLN A 32 -1.45 13.74 19.26
C GLN A 32 -0.74 12.62 19.97
N SER A 33 -0.87 11.39 19.51
CA SER A 33 -0.42 10.19 20.22
C SER A 33 0.07 9.18 19.21
N LYS A 34 0.60 8.07 19.68
CA LYS A 34 1.05 6.99 18.78
C LYS A 34 -0.12 6.49 17.93
N GLN A 35 0.17 6.04 16.72
CA GLN A 35 -0.79 5.31 15.89
C GLN A 35 -1.11 4.03 16.66
N ASP A 36 -2.38 3.81 16.97
CA ASP A 36 -2.82 2.66 17.78
C ASP A 36 -4.30 2.47 17.53
N THR A 37 -4.88 1.53 18.25
CA THR A 37 -6.33 1.24 18.10
C THR A 37 -7.19 2.43 18.57
N GLU A 38 -6.67 3.22 19.48
CA GLU A 38 -7.26 4.49 19.90
C GLU A 38 -6.15 5.54 19.72
N VAL A 39 -6.52 6.68 19.21
CA VAL A 39 -5.59 7.83 19.08
C VAL A 39 -6.19 9.04 19.78
N LYS A 40 -5.39 10.01 20.16
CA LYS A 40 -5.82 11.30 20.75
C LYS A 40 -5.91 12.34 19.66
N ILE A 41 -7.06 12.98 19.46
CA ILE A 41 -7.26 14.12 18.54
C ILE A 41 -8.00 15.19 19.31
N ASP A 42 -7.46 16.40 19.41
CA ASP A 42 -8.12 17.48 20.19
C ASP A 42 -8.33 17.03 21.64
N GLY A 43 -7.38 16.30 22.21
CA GLY A 43 -7.42 15.86 23.62
C GLY A 43 -8.36 14.71 23.92
N ARG A 44 -9.14 14.25 22.93
N ARG A 44 -9.21 14.27 22.99
CA ARG A 44 -10.21 13.21 23.12
CA ARG A 44 -10.10 13.13 23.31
C ARG A 44 -9.81 11.90 22.43
C ARG A 44 -9.60 11.85 22.67
N ARG A 45 -10.29 10.77 22.96
CA ARG A 45 -9.97 9.44 22.43
C ARG A 45 -10.89 9.11 21.26
N VAL A 46 -10.28 8.53 20.23
CA VAL A 46 -10.90 8.23 18.93
C VAL A 46 -10.47 6.83 18.52
N LEU A 47 -11.41 5.96 18.19
CA LEU A 47 -11.13 4.60 17.72
C LEU A 47 -10.59 4.70 16.30
N MET A 48 -9.46 4.04 16.05
CA MET A 48 -8.77 4.17 14.74
C MET A 48 -9.11 2.94 13.88
N PHE A 49 -9.95 3.12 12.87
CA PHE A 49 -10.30 2.10 11.86
C PHE A 49 -9.91 2.57 10.46
N GLY A 50 -8.95 3.50 10.42
CA GLY A 50 -8.44 4.00 9.15
C GLY A 50 -6.95 3.86 9.03
N SER A 51 -6.34 2.89 9.66
CA SER A 51 -4.87 2.71 9.63
C SER A 51 -4.44 1.68 8.61
N ASN A 52 -3.16 1.68 8.28
CA ASN A 52 -2.55 0.59 7.53
C ASN A 52 -1.58 -0.21 8.38
N SER A 53 -1.53 0.04 9.67
CA SER A 53 -0.67 -0.74 10.57
C SER A 53 -1.40 -2.07 10.89
N TYR A 54 -1.35 -3.00 9.97
CA TYR A 54 -2.26 -4.18 10.02
C TYR A 54 -1.94 -5.04 11.25
N LEU A 55 -0.71 -5.01 11.72
CA LEU A 55 -0.30 -5.90 12.82
C LEU A 55 -0.09 -5.08 14.10
N GLY A 56 -0.43 -3.79 14.11
CA GLY A 56 -0.37 -2.98 15.31
C GLY A 56 1.04 -2.77 15.83
N LEU A 57 2.05 -2.87 14.96
CA LEU A 57 3.45 -2.98 15.45
C LEU A 57 4.07 -1.61 15.70
N THR A 58 3.48 -0.47 15.37
CA THR A 58 4.16 0.84 15.56
C THR A 58 4.35 1.17 17.04
N THR A 59 3.64 0.42 17.91
CA THR A 59 3.74 0.64 19.38
C THR A 59 4.53 -0.46 20.07
N ASP A 60 5.08 -1.43 19.37
CA ASP A 60 5.77 -2.59 19.98
C ASP A 60 7.04 -2.05 20.63
N THR A 61 7.23 -2.19 21.93
CA THR A 61 8.41 -1.64 22.65
C THR A 61 9.72 -2.21 22.11
N ARG A 62 9.76 -3.42 21.56
CA ARG A 62 11.02 -4.01 21.05
C ARG A 62 11.43 -3.26 19.79
N ILE A 63 10.41 -2.91 18.99
CA ILE A 63 10.64 -2.18 17.71
C ILE A 63 11.06 -0.76 18.02
N ILE A 64 10.40 -0.07 18.93
CA ILE A 64 10.78 1.28 19.42
C ILE A 64 12.26 1.22 19.87
N LYS A 65 12.58 0.27 20.75
CA LYS A 65 13.94 0.21 21.32
C LYS A 65 14.95 -0.11 20.23
N ALA A 66 14.67 -0.97 19.26
CA ALA A 66 15.64 -1.23 18.16
C ALA A 66 15.89 0.11 17.45
N ALA A 67 14.85 0.88 17.15
CA ALA A 67 15.00 2.17 16.45
C ALA A 67 15.84 3.14 17.32
N GLN A 68 15.55 3.24 18.61
CA GLN A 68 16.30 4.16 19.49
C GLN A 68 17.78 3.71 19.58
N ASP A 69 18.02 2.41 19.61
CA ASP A 69 19.41 1.88 19.66
C ASP A 69 20.14 2.27 18.36
N ALA A 70 19.45 2.23 17.22
CA ALA A 70 20.11 2.53 15.93
C ALA A 70 20.40 4.02 15.89
N LEU A 71 19.56 4.89 16.45
CA LEU A 71 19.85 6.33 16.57
C LEU A 71 21.13 6.51 17.40
N GLU A 72 21.23 5.79 18.49
CA GLU A 72 22.39 5.94 19.40
C GLU A 72 23.65 5.58 18.62
N LYS A 73 23.63 4.52 17.86
CA LYS A 73 24.85 4.01 17.21
C LYS A 73 25.13 4.81 15.93
N TYR A 74 24.12 5.08 15.09
CA TYR A 74 24.29 5.58 13.71
C TYR A 74 23.83 7.02 13.51
N GLY A 75 23.20 7.63 14.51
CA GLY A 75 22.72 9.00 14.38
C GLY A 75 21.43 9.10 13.57
N THR A 76 21.10 10.33 13.17
CA THR A 76 19.76 10.68 12.69
C THR A 76 19.57 10.49 11.19
N GLY A 77 20.64 10.29 10.41
CA GLY A 77 20.50 10.25 8.94
C GLY A 77 21.81 9.80 8.38
N CYS A 78 21.82 9.37 7.13
CA CYS A 78 23.07 8.97 6.42
C CYS A 78 23.52 10.13 5.50
N ALA A 79 22.68 11.08 5.16
CA ALA A 79 23.04 12.28 4.38
C ALA A 79 23.66 11.94 3.05
N GLY A 80 23.13 10.94 2.38
CA GLY A 80 23.48 10.68 0.99
C GLY A 80 22.69 9.56 0.41
N SER A 81 22.71 9.44 -0.89
N SER A 81 22.82 9.40 -0.88
CA SER A 81 22.10 8.26 -1.55
CA SER A 81 22.26 8.23 -1.61
C SER A 81 22.90 7.00 -1.20
C SER A 81 22.94 6.96 -1.14
N ARG A 82 22.20 5.87 -1.16
CA ARG A 82 22.83 4.52 -1.00
C ARG A 82 24.02 4.36 -1.95
N PHE A 83 23.83 4.83 -3.18
CA PHE A 83 24.80 4.76 -4.29
C PHE A 83 26.18 5.30 -3.85
N LEU A 84 26.19 6.42 -3.10
CA LEU A 84 27.44 7.12 -2.70
C LEU A 84 27.77 6.83 -1.21
N ASN A 85 27.53 7.79 -0.31
CA ASN A 85 27.95 7.73 1.10
C ASN A 85 26.83 7.31 2.04
N GLY A 86 25.68 6.87 1.52
CA GLY A 86 24.49 6.60 2.34
C GLY A 86 24.18 5.16 2.58
N THR A 87 25.07 4.21 2.29
CA THR A 87 24.85 2.78 2.62
C THR A 87 25.43 2.45 3.98
N LEU A 88 24.68 1.79 4.83
CA LEU A 88 25.16 1.20 6.09
C LEU A 88 25.12 -0.30 6.00
N ASP A 89 25.97 -0.96 6.80
CA ASP A 89 25.87 -2.41 7.00
C ASP A 89 24.42 -2.87 7.25
N ILE A 90 23.68 -2.10 8.05
CA ILE A 90 22.28 -2.50 8.36
C ILE A 90 21.36 -2.36 7.16
N HIS A 91 21.60 -1.46 6.20
CA HIS A 91 20.78 -1.52 4.96
C HIS A 91 20.98 -2.86 4.29
N VAL A 92 22.23 -3.27 4.13
CA VAL A 92 22.55 -4.52 3.38
C VAL A 92 21.95 -5.72 4.14
N GLU A 93 22.04 -5.69 5.45
CA GLU A 93 21.41 -6.75 6.26
C GLU A 93 19.92 -6.85 5.91
N LEU A 94 19.24 -5.69 5.96
CA LEU A 94 17.78 -5.74 5.69
C LEU A 94 17.51 -6.22 4.28
N GLU A 95 18.29 -5.84 3.27
CA GLU A 95 18.10 -6.39 1.92
C GLU A 95 18.22 -7.94 1.93
N GLU A 96 19.21 -8.45 2.64
CA GLU A 96 19.46 -9.92 2.64
C GLU A 96 18.28 -10.55 3.35
N LYS A 97 17.81 -9.97 4.45
CA LYS A 97 16.67 -10.57 5.20
C LYS A 97 15.39 -10.51 4.37
N LEU A 98 15.13 -9.43 3.66
CA LEU A 98 13.92 -9.38 2.84
C LEU A 98 14.03 -10.35 1.70
N SER A 99 15.18 -10.49 1.05
CA SER A 99 15.39 -11.42 -0.08
C SER A 99 15.04 -12.83 0.42
N ALA A 100 15.49 -13.19 1.60
CA ALA A 100 15.19 -14.54 2.15
C ALA A 100 13.68 -14.67 2.38
N TYR A 101 13.06 -13.61 2.89
CA TYR A 101 11.65 -13.66 3.32
C TYR A 101 10.73 -13.87 2.11
N VAL A 102 10.98 -13.19 1.00
CA VAL A 102 10.11 -13.31 -0.20
C VAL A 102 10.67 -14.33 -1.19
N GLY A 103 11.77 -14.98 -0.86
CA GLY A 103 12.29 -16.08 -1.72
C GLY A 103 12.94 -15.62 -3.00
N LYS A 104 13.68 -14.49 -2.97
CA LYS A 104 14.40 -13.98 -4.15
C LYS A 104 15.91 -13.87 -3.87
N GLU A 105 16.65 -13.69 -4.93
CA GLU A 105 18.15 -13.64 -4.81
C GLU A 105 18.63 -12.38 -4.11
N ALA A 106 17.97 -11.23 -4.37
CA ALA A 106 18.55 -9.92 -3.99
C ALA A 106 17.41 -8.90 -3.80
N ALA A 107 17.69 -7.84 -3.10
CA ALA A 107 16.73 -6.71 -2.96
C ALA A 107 17.53 -5.43 -2.90
N ILE A 108 16.86 -4.33 -3.25
CA ILE A 108 17.35 -2.94 -3.11
C ILE A 108 16.31 -2.15 -2.35
N LEU A 109 16.73 -1.49 -1.29
CA LEU A 109 15.83 -0.60 -0.52
C LEU A 109 15.64 0.71 -1.28
N PHE A 110 14.48 1.33 -1.06
CA PHE A 110 14.20 2.72 -1.37
C PHE A 110 13.70 3.43 -0.13
N SER A 111 13.78 4.78 -0.09
N SER A 111 13.67 4.76 -0.22
CA SER A 111 13.43 5.52 1.14
CA SER A 111 13.41 5.62 0.96
C SER A 111 11.91 5.64 1.33
C SER A 111 11.92 5.71 1.29
N THR A 112 11.09 5.34 0.31
CA THR A 112 9.62 5.19 0.48
C THR A 112 9.17 4.05 -0.37
N GLY A 113 7.99 3.55 -0.05
CA GLY A 113 7.29 2.62 -0.95
C GLY A 113 7.01 3.23 -2.32
N PHE A 114 6.55 4.48 -2.30
CA PHE A 114 6.25 5.23 -3.54
C PHE A 114 7.43 5.20 -4.52
N GLN A 115 8.62 5.50 -3.96
CA GLN A 115 9.87 5.53 -4.77
C GLN A 115 10.27 4.10 -5.18
N SER A 116 9.88 3.08 -4.44
CA SER A 116 10.16 1.68 -4.78
C SER A 116 9.43 1.31 -6.07
N ASN A 117 8.22 1.83 -6.36
CA ASN A 117 7.59 1.65 -7.68
C ASN A 117 8.27 2.49 -8.78
N LEU A 118 8.62 3.73 -8.44
CA LEU A 118 9.19 4.62 -9.47
C LEU A 118 10.45 3.94 -10.03
N GLY A 119 11.22 3.26 -9.21
CA GLY A 119 12.57 2.80 -9.66
C GLY A 119 12.44 1.80 -10.80
N PRO A 120 11.86 0.61 -10.61
CA PRO A 120 11.77 -0.37 -11.69
C PRO A 120 10.91 0.03 -12.89
N LEU A 121 9.79 0.71 -12.63
CA LEU A 121 8.89 1.10 -13.72
C LEU A 121 9.53 2.16 -14.59
N SER A 122 10.42 3.01 -14.04
CA SER A 122 11.03 4.07 -14.85
C SER A 122 12.18 3.56 -15.73
N CYS A 123 12.87 2.49 -15.33
CA CYS A 123 14.21 2.22 -15.95
C CYS A 123 14.33 0.86 -16.62
N LEU A 124 13.37 -0.05 -16.60
CA LEU A 124 13.56 -1.39 -17.23
C LEU A 124 13.01 -1.38 -18.64
N MET A 125 11.76 -0.99 -18.87
CA MET A 125 11.17 -0.87 -20.23
C MET A 125 11.50 0.52 -20.82
N GLY A 126 11.94 0.57 -22.07
CA GLY A 126 12.31 1.85 -22.72
C GLY A 126 11.54 2.12 -23.99
N ARG A 127 12.11 2.96 -24.85
CA ARG A 127 11.56 3.23 -26.18
C ARG A 127 11.24 1.89 -26.84
N ASN A 128 10.09 1.84 -27.48
CA ASN A 128 9.67 0.63 -28.24
C ASN A 128 9.24 -0.52 -27.33
N ASP A 129 9.29 -0.42 -25.99
CA ASP A 129 8.77 -1.46 -25.06
C ASP A 129 7.41 -1.02 -24.50
N TYR A 130 6.84 -1.87 -23.64
CA TYR A 130 5.45 -1.70 -23.14
C TYR A 130 5.37 -2.08 -21.68
N ILE A 131 4.58 -1.26 -20.99
CA ILE A 131 4.13 -1.54 -19.61
C ILE A 131 2.60 -1.72 -19.61
N LEU A 132 2.16 -2.82 -19.02
CA LEU A 132 0.73 -3.15 -18.91
C LEU A 132 0.32 -3.09 -17.45
N LEU A 133 -0.64 -2.19 -17.19
CA LEU A 133 -1.08 -1.84 -15.86
C LEU A 133 -2.56 -2.19 -15.65
N ASP A 134 -2.84 -2.86 -14.57
CA ASP A 134 -4.25 -2.94 -14.13
C ASP A 134 -4.73 -1.51 -13.96
N GLU A 135 -5.93 -1.21 -14.42
CA GLU A 135 -6.47 0.17 -14.33
C GLU A 135 -6.62 0.65 -12.87
N ARG A 136 -6.72 -0.22 -11.90
CA ARG A 136 -6.87 0.17 -10.46
C ARG A 136 -5.53 0.19 -9.73
N ASP A 137 -4.45 0.07 -10.49
CA ASP A 137 -3.11 0.07 -9.85
C ASP A 137 -2.89 1.36 -9.03
N HIS A 138 -2.10 1.26 -8.00
CA HIS A 138 -1.77 2.38 -7.10
C HIS A 138 -1.17 3.53 -7.91
N ALA A 139 -1.43 4.74 -7.42
CA ALA A 139 -0.92 5.98 -8.07
C ALA A 139 0.57 5.87 -8.34
N SER A 140 1.33 5.30 -7.43
CA SER A 140 2.83 5.30 -7.60
C SER A 140 3.23 4.44 -8.78
N ILE A 141 2.44 3.40 -9.09
CA ILE A 141 2.67 2.57 -10.28
C ILE A 141 2.38 3.34 -11.54
N ILE A 142 1.24 4.05 -11.55
N ILE A 142 1.24 4.06 -11.63
CA ILE A 142 0.86 4.95 -12.67
CA ILE A 142 0.98 4.89 -12.85
C ILE A 142 2.02 5.93 -12.93
C ILE A 142 2.09 5.93 -12.97
N ASP A 143 2.48 6.56 -11.86
CA ASP A 143 3.52 7.61 -11.96
C ASP A 143 4.84 6.99 -12.37
N GLY A 144 5.21 5.86 -11.78
CA GLY A 144 6.47 5.20 -12.17
C GLY A 144 6.50 4.88 -13.64
N SER A 145 5.38 4.38 -14.19
N SER A 145 5.37 4.37 -14.17
CA SER A 145 5.31 4.00 -15.62
CA SER A 145 5.25 4.00 -15.60
C SER A 145 5.39 5.24 -16.50
C SER A 145 5.41 5.24 -16.48
N ARG A 146 4.82 6.38 -16.06
CA ARG A 146 4.90 7.63 -16.86
C ARG A 146 6.34 8.13 -16.88
N LEU A 147 7.14 7.77 -15.88
CA LEU A 147 8.59 8.14 -15.90
C LEU A 147 9.39 7.25 -16.84
N SER A 148 8.87 6.11 -17.28
CA SER A 148 9.57 5.33 -18.33
C SER A 148 9.47 6.05 -19.67
N PHE A 149 10.26 5.58 -20.62
CA PHE A 149 10.16 6.02 -22.03
C PHE A 149 9.35 5.02 -22.86
N SER A 150 8.62 4.11 -22.20
CA SER A 150 7.84 3.01 -22.86
C SER A 150 6.40 3.51 -23.09
N LYS A 151 5.64 2.70 -23.85
CA LYS A 151 4.21 2.92 -24.05
C LYS A 151 3.44 2.18 -22.95
N VAL A 152 2.68 2.94 -22.20
CA VAL A 152 1.90 2.43 -21.04
C VAL A 152 0.47 2.14 -21.49
N ILE A 153 0.05 0.91 -21.22
CA ILE A 153 -1.29 0.43 -21.66
C ILE A 153 -2.02 -0.04 -20.42
N LYS A 154 -3.20 0.51 -20.12
N LYS A 154 -3.23 0.46 -20.17
CA LYS A 154 -4.01 -0.03 -19.00
CA LYS A 154 -4.05 0.06 -19.02
C LYS A 154 -4.91 -1.15 -19.53
C LYS A 154 -5.03 -1.04 -19.45
N TYR A 155 -5.18 -2.09 -18.64
CA TYR A 155 -6.16 -3.18 -18.89
C TYR A 155 -7.21 -3.15 -17.79
N GLY A 156 -8.40 -3.70 -18.15
CA GLY A 156 -9.54 -3.71 -17.24
C GLY A 156 -9.23 -4.39 -15.95
N HIS A 157 -9.78 -3.92 -14.86
CA HIS A 157 -9.46 -4.38 -13.49
C HIS A 157 -9.65 -5.89 -13.40
N ASN A 158 -8.57 -6.62 -13.13
CA ASN A 158 -8.57 -8.10 -13.02
C ASN A 158 -9.18 -8.72 -14.27
N ASN A 159 -9.09 -8.08 -15.42
CA ASN A 159 -9.71 -8.55 -16.69
C ASN A 159 -8.62 -9.24 -17.51
N MET A 160 -8.55 -10.56 -17.39
CA MET A 160 -7.49 -11.36 -18.04
C MET A 160 -7.71 -11.43 -19.55
N GLU A 161 -8.97 -11.37 -20.02
CA GLU A 161 -9.20 -11.39 -21.49
C GLU A 161 -8.69 -10.07 -22.10
N ASP A 162 -8.92 -8.97 -21.41
CA ASP A 162 -8.44 -7.65 -21.87
C ASP A 162 -6.89 -7.58 -21.82
N LEU A 163 -6.32 -8.10 -20.74
CA LEU A 163 -4.81 -8.18 -20.65
C LEU A 163 -4.24 -9.00 -21.80
N ARG A 164 -4.80 -10.18 -22.03
CA ARG A 164 -4.37 -11.09 -23.11
C ARG A 164 -4.54 -10.43 -24.46
N ALA A 165 -5.68 -9.80 -24.76
CA ALA A 165 -5.95 -9.17 -26.06
C ALA A 165 -4.96 -8.03 -26.25
N LYS A 166 -4.72 -7.21 -25.22
CA LYS A 166 -3.89 -6.00 -25.40
C LYS A 166 -2.43 -6.41 -25.64
N LEU A 167 -1.96 -7.46 -24.99
CA LEU A 167 -0.61 -8.06 -25.21
C LEU A 167 -0.47 -8.65 -26.61
N SER A 168 -1.54 -9.32 -27.08
N SER A 168 -1.51 -9.33 -27.10
CA SER A 168 -1.62 -9.99 -28.40
CA SER A 168 -1.55 -9.99 -28.43
C SER A 168 -1.37 -8.99 -29.53
C SER A 168 -1.33 -8.96 -29.55
N ARG A 169 -1.77 -7.73 -29.35
CA ARG A 169 -1.69 -6.66 -30.38
C ARG A 169 -0.24 -6.18 -30.56
N LEU A 170 0.67 -6.50 -29.64
CA LEU A 170 1.98 -5.81 -29.57
C LEU A 170 3.03 -6.54 -30.40
N PRO A 171 4.03 -5.78 -30.90
CA PRO A 171 5.10 -6.38 -31.69
C PRO A 171 5.84 -7.46 -30.91
N GLU A 172 6.17 -8.61 -31.52
CA GLU A 172 6.95 -9.67 -30.84
C GLU A 172 8.28 -9.10 -30.35
N ASP A 173 8.91 -8.27 -31.19
CA ASP A 173 10.31 -7.82 -31.00
C ASP A 173 10.23 -6.57 -30.12
N SER A 174 9.73 -6.76 -28.90
CA SER A 174 9.59 -5.66 -27.91
C SER A 174 9.53 -6.31 -26.53
N ALA A 175 10.00 -5.59 -25.52
CA ALA A 175 9.91 -6.05 -24.12
C ALA A 175 8.58 -5.54 -23.52
N LYS A 176 8.02 -6.35 -22.65
CA LYS A 176 6.77 -6.05 -21.93
C LYS A 176 6.95 -6.33 -20.46
N LEU A 177 6.32 -5.48 -19.64
N LEU A 177 6.31 -5.48 -19.65
CA LEU A 177 6.27 -5.69 -18.18
CA LEU A 177 6.28 -5.63 -18.17
C LEU A 177 4.83 -5.44 -17.75
C LEU A 177 4.83 -5.40 -17.69
N ILE A 178 4.29 -6.38 -16.98
CA ILE A 178 2.93 -6.29 -16.36
C ILE A 178 3.19 -5.93 -14.90
N CYS A 179 2.58 -4.84 -14.44
CA CYS A 179 2.68 -4.49 -13.02
C CYS A 179 1.28 -4.41 -12.42
N THR A 180 1.10 -5.01 -11.26
CA THR A 180 -0.19 -5.10 -10.59
C THR A 180 -0.03 -4.93 -9.12
N ASP A 181 -0.98 -4.27 -8.45
CA ASP A 181 -1.11 -4.42 -6.99
C ASP A 181 -1.37 -5.92 -6.70
N GLY A 182 -0.94 -6.36 -5.54
CA GLY A 182 -1.27 -7.71 -5.05
C GLY A 182 -2.62 -7.71 -4.41
N ILE A 183 -2.74 -7.08 -3.28
CA ILE A 183 -4.03 -6.60 -2.73
C ILE A 183 -4.20 -5.14 -3.16
N PHE A 184 -5.31 -4.86 -3.81
CA PHE A 184 -5.72 -3.49 -4.24
C PHE A 184 -6.26 -2.67 -3.04
N SER A 185 -5.71 -1.44 -2.83
CA SER A 185 -6.01 -0.49 -1.69
CA SER A 185 -6.00 -0.56 -1.64
C SER A 185 -7.53 -0.30 -1.48
N MET A 186 -8.20 0.04 -2.58
N MET A 186 -8.29 -0.04 -2.53
CA MET A 186 -9.59 0.57 -2.51
CA MET A 186 -9.62 0.60 -2.31
C MET A 186 -10.52 -0.50 -1.93
C MET A 186 -10.73 -0.42 -1.99
N GLU A 187 -10.80 -1.55 -2.72
CA GLU A 187 -11.85 -2.56 -2.46
C GLU A 187 -11.23 -3.76 -1.75
N GLY A 188 -9.89 -3.83 -1.59
CA GLY A 188 -9.29 -4.90 -0.78
C GLY A 188 -9.30 -6.28 -1.49
N ASP A 189 -9.43 -6.31 -2.80
CA ASP A 189 -9.47 -7.54 -3.63
C ASP A 189 -8.06 -7.96 -4.03
N ILE A 190 -7.92 -9.20 -4.45
CA ILE A 190 -6.59 -9.83 -4.78
C ILE A 190 -6.52 -10.01 -6.27
N VAL A 191 -5.38 -9.70 -6.86
CA VAL A 191 -5.13 -9.94 -8.27
C VAL A 191 -5.29 -11.42 -8.61
N ASN A 192 -5.77 -11.68 -9.80
CA ASN A 192 -5.81 -13.05 -10.39
C ASN A 192 -4.38 -13.49 -10.81
N LEU A 193 -3.53 -13.69 -9.84
CA LEU A 193 -2.11 -13.94 -10.18
C LEU A 193 -1.89 -15.23 -10.98
N PRO A 194 -2.67 -16.32 -10.74
CA PRO A 194 -2.50 -17.51 -11.60
C PRO A 194 -2.71 -17.24 -13.08
N GLU A 195 -3.83 -16.60 -13.45
N GLU A 195 -3.82 -16.57 -13.45
CA GLU A 195 -4.09 -16.32 -14.88
CA GLU A 195 -4.07 -16.34 -14.88
C GLU A 195 -3.12 -15.27 -15.40
C GLU A 195 -3.14 -15.24 -15.42
N LEU A 196 -2.83 -14.21 -14.61
CA LEU A 196 -1.94 -13.12 -15.11
C LEU A 196 -0.53 -13.72 -15.43
N THR A 197 -0.01 -14.56 -14.54
CA THR A 197 1.31 -15.18 -14.73
C THR A 197 1.24 -16.18 -15.89
N SER A 198 0.11 -16.85 -16.10
N SER A 198 0.11 -16.87 -16.08
CA SER A 198 -0.03 -17.78 -17.25
CA SER A 198 -0.08 -17.78 -17.24
C SER A 198 0.07 -16.99 -18.56
C SER A 198 0.08 -16.99 -18.54
N ILE A 199 -0.61 -15.85 -18.64
CA ILE A 199 -0.56 -14.96 -19.82
C ILE A 199 0.88 -14.46 -19.98
N ALA A 200 1.49 -14.02 -18.87
CA ALA A 200 2.83 -13.42 -18.91
C ALA A 200 3.80 -14.46 -19.49
N ASN A 201 3.72 -15.69 -19.03
CA ASN A 201 4.61 -16.78 -19.54
C ASN A 201 4.41 -16.99 -21.04
N GLU A 202 3.17 -16.91 -21.54
N GLU A 202 3.16 -16.94 -21.52
CA GLU A 202 2.87 -17.11 -22.98
CA GLU A 202 2.85 -17.07 -22.96
C GLU A 202 3.46 -15.98 -23.83
C GLU A 202 3.57 -16.00 -23.78
N PHE A 203 3.58 -14.76 -23.29
CA PHE A 203 4.06 -13.58 -24.07
C PHE A 203 5.47 -13.19 -23.64
N ASP A 204 6.08 -13.98 -22.77
CA ASP A 204 7.41 -13.68 -22.18
C ASP A 204 7.42 -12.25 -21.63
N ALA A 205 6.33 -11.82 -21.00
CA ALA A 205 6.30 -10.53 -20.26
C ALA A 205 6.82 -10.69 -18.83
N ALA A 206 7.61 -9.69 -18.38
CA ALA A 206 8.03 -9.59 -16.97
C ALA A 206 6.79 -9.32 -16.10
N VAL A 207 6.81 -9.81 -14.88
CA VAL A 207 5.72 -9.63 -13.91
C VAL A 207 6.27 -8.95 -12.68
N MET A 208 5.69 -7.82 -12.28
CA MET A 208 5.99 -7.15 -11.01
C MET A 208 4.69 -7.05 -10.18
N VAL A 209 4.79 -7.37 -8.92
CA VAL A 209 3.66 -7.29 -7.96
C VAL A 209 3.99 -6.31 -6.83
N ASP A 210 3.09 -5.36 -6.59
CA ASP A 210 3.20 -4.39 -5.49
C ASP A 210 2.46 -4.95 -4.29
N ASP A 211 3.16 -5.40 -3.26
CA ASP A 211 2.62 -6.10 -2.10
C ASP A 211 2.48 -5.19 -0.90
N ALA A 212 2.27 -3.88 -1.12
CA ALA A 212 2.11 -2.94 0.01
C ALA A 212 1.06 -3.40 1.03
N HIS A 213 -0.07 -3.93 0.55
CA HIS A 213 -1.20 -4.32 1.43
C HIS A 213 -1.22 -5.82 1.67
N SER A 214 -0.31 -6.57 1.04
N SER A 214 -0.27 -6.52 1.05
CA SER A 214 -0.23 -8.05 1.20
CA SER A 214 -0.19 -8.00 1.01
C SER A 214 0.81 -8.42 2.26
C SER A 214 0.86 -8.50 2.01
N LEU A 215 1.98 -7.80 2.20
CA LEU A 215 3.03 -8.21 3.15
C LEU A 215 2.53 -8.07 4.60
N GLY A 216 2.66 -9.14 5.38
CA GLY A 216 2.15 -9.21 6.75
C GLY A 216 0.67 -9.58 6.81
N VAL A 217 0.07 -9.86 5.67
CA VAL A 217 -1.41 -10.03 5.58
C VAL A 217 -1.65 -11.39 4.97
N ILE A 218 -1.20 -11.65 3.76
CA ILE A 218 -1.37 -12.96 3.05
C ILE A 218 0.00 -13.55 2.73
N GLY A 219 -0.01 -14.83 2.36
CA GLY A 219 1.23 -15.57 2.12
C GLY A 219 1.71 -16.26 3.39
N HIS A 220 2.59 -17.22 3.20
CA HIS A 220 3.16 -17.94 4.37
C HIS A 220 3.98 -16.98 5.24
N LYS A 221 3.63 -16.91 6.51
CA LYS A 221 4.24 -16.03 7.52
C LYS A 221 4.16 -14.58 6.99
N GLY A 222 3.18 -14.29 6.16
CA GLY A 222 2.93 -12.92 5.63
C GLY A 222 3.79 -12.52 4.44
N ALA A 223 4.40 -13.46 3.75
CA ALA A 223 5.39 -13.13 2.71
C ALA A 223 4.76 -12.59 1.43
N GLY A 224 3.42 -12.54 1.31
CA GLY A 224 2.77 -11.79 0.24
C GLY A 224 2.07 -12.58 -0.83
N THR A 225 1.86 -11.99 -1.99
CA THR A 225 0.82 -12.49 -2.93
C THR A 225 1.39 -13.70 -3.69
N ALA A 226 2.63 -13.63 -4.18
CA ALA A 226 3.27 -14.78 -4.87
C ALA A 226 3.26 -15.92 -3.86
N SER A 227 3.58 -15.69 -2.60
CA SER A 227 3.62 -16.77 -1.59
C SER A 227 2.23 -17.35 -1.40
N HIS A 228 1.19 -16.51 -1.38
CA HIS A 228 -0.24 -16.90 -1.26
C HIS A 228 -0.66 -17.90 -2.32
N PHE A 229 -0.22 -17.72 -3.54
CA PHE A 229 -0.61 -18.52 -4.71
C PHE A 229 0.40 -19.65 -4.99
N GLY A 230 1.58 -19.64 -4.35
CA GLY A 230 2.65 -20.59 -4.69
C GLY A 230 3.41 -20.25 -5.95
N LEU A 231 3.41 -19.00 -6.42
CA LEU A 231 3.87 -18.55 -7.75
C LEU A 231 5.15 -17.68 -7.67
N ASN A 232 5.95 -17.88 -6.63
CA ASN A 232 7.28 -17.23 -6.51
C ASN A 232 8.04 -17.29 -7.86
N ASP A 233 8.05 -18.43 -8.53
N ASP A 233 8.06 -18.46 -8.48
CA ASP A 233 8.91 -18.59 -9.74
CA ASP A 233 8.84 -18.70 -9.72
C ASP A 233 8.25 -18.04 -11.01
C ASP A 233 8.33 -17.85 -10.89
N ASP A 234 7.05 -17.46 -10.91
CA ASP A 234 6.43 -16.79 -12.08
C ASP A 234 6.35 -15.26 -11.89
N VAL A 235 6.90 -14.76 -10.81
CA VAL A 235 6.93 -13.28 -10.51
C VAL A 235 8.40 -12.82 -10.51
N ASP A 236 8.72 -11.93 -11.42
CA ASP A 236 10.13 -11.47 -11.60
C ASP A 236 10.52 -10.51 -10.46
N LEU A 237 9.59 -9.61 -10.10
CA LEU A 237 9.86 -8.49 -9.15
C LEU A 237 8.76 -8.43 -8.09
N ILE A 238 9.15 -8.45 -6.85
CA ILE A 238 8.26 -8.27 -5.67
C ILE A 238 8.64 -6.95 -5.05
N MET A 239 7.70 -6.02 -5.10
CA MET A 239 7.87 -4.71 -4.46
C MET A 239 7.14 -4.74 -3.13
N GLY A 240 7.66 -4.07 -2.14
CA GLY A 240 6.92 -3.83 -0.90
C GLY A 240 7.19 -2.47 -0.29
N THR A 241 6.35 -2.10 0.66
CA THR A 241 6.58 -0.95 1.54
C THR A 241 6.83 -1.41 2.95
N PHE A 242 7.50 -0.56 3.74
CA PHE A 242 7.69 -0.75 5.19
C PHE A 242 6.71 0.06 6.02
N SER A 243 5.79 0.83 5.41
CA SER A 243 4.99 1.81 6.15
C SER A 243 3.67 1.23 6.65
N1 LLP A 244 1.67 0.83 -3.44
C2 LLP A 244 0.55 0.57 -2.78
C2' LLP A 244 -0.42 -0.38 -3.41
C3 LLP A 244 0.21 1.28 -1.62
O3 LLP A 244 -1.00 1.06 -1.04
C4 LLP A 244 1.12 2.14 -1.02
C4' LLP A 244 0.80 2.58 0.32
C5 LLP A 244 2.33 2.38 -1.73
C6 LLP A 244 2.53 1.71 -2.91
C5' LLP A 244 3.32 3.44 -1.32
OP4 LLP A 244 4.04 3.14 -0.10
P LLP A 244 4.44 4.34 0.87
OP1 LLP A 244 5.29 5.29 0.11
OP2 LLP A 244 3.20 4.97 1.45
OP3 LLP A 244 5.23 3.59 1.93
N LLP A 244 3.34 -0.02 6.35
CA LLP A 244 2.04 -0.59 6.66
CB LLP A 244 1.40 -1.01 5.34
CG LLP A 244 1.13 0.24 4.52
CD LLP A 244 0.55 0.14 3.12
CE LLP A 244 0.45 1.57 2.57
NZ LLP A 244 0.22 1.65 1.14
C LLP A 244 2.20 -1.67 7.73
O LLP A 244 2.46 -1.34 8.87
N SER A 245 2.20 -2.96 7.36
CA SER A 245 2.47 -3.98 8.38
C SER A 245 3.78 -3.77 9.13
N LEU A 246 4.81 -3.36 8.40
CA LEU A 246 6.16 -3.26 9.01
C LEU A 246 6.35 -1.98 9.80
N ALA A 247 5.34 -1.11 9.90
CA ALA A 247 5.30 -0.08 10.98
C ALA A 247 6.38 1.01 10.91
N SER A 248 6.91 1.27 9.71
N SER A 248 6.94 1.23 9.71
CA SER A 248 8.12 2.13 9.56
CA SER A 248 8.15 2.05 9.52
C SER A 248 7.94 3.06 8.34
C SER A 248 7.95 3.00 8.34
N LEU A 249 9.03 3.21 7.58
CA LEU A 249 9.01 4.01 6.36
C LEU A 249 10.10 3.46 5.45
N GLY A 250 9.82 3.42 4.18
CA GLY A 250 10.75 2.86 3.18
C GLY A 250 10.10 1.79 2.35
N GLY A 251 10.84 1.19 1.46
CA GLY A 251 10.33 0.04 0.73
C GLY A 251 11.43 -0.67 0.00
N PHE A 252 11.08 -1.64 -0.81
CA PHE A 252 12.08 -2.48 -1.47
C PHE A 252 11.56 -2.98 -2.77
N VAL A 253 12.45 -3.47 -3.58
CA VAL A 253 12.14 -4.36 -4.73
C VAL A 253 13.10 -5.54 -4.66
N ALA A 254 12.56 -6.75 -4.76
CA ALA A 254 13.35 -8.01 -4.66
C ALA A 254 13.16 -8.78 -5.95
N GLY A 255 14.23 -9.46 -6.38
CA GLY A 255 14.27 -10.20 -7.65
C GLY A 255 15.60 -10.89 -7.87
N ASP A 256 15.85 -11.17 -9.12
CA ASP A 256 17.10 -11.88 -9.49
C ASP A 256 18.24 -10.88 -9.30
N ALA A 257 19.40 -11.40 -8.87
CA ALA A 257 20.58 -10.54 -8.61
C ALA A 257 20.96 -9.69 -9.81
N ASP A 258 20.88 -10.18 -11.03
CA ASP A 258 21.30 -9.37 -12.17
C ASP A 258 20.35 -8.18 -12.36
N VAL A 259 19.05 -8.45 -12.22
CA VAL A 259 18.02 -7.41 -12.38
C VAL A 259 18.20 -6.37 -11.27
N ILE A 260 18.34 -6.85 -10.07
CA ILE A 260 18.48 -5.94 -8.90
C ILE A 260 19.75 -5.10 -9.05
N ASP A 261 20.83 -5.70 -9.52
N ASP A 261 20.87 -5.67 -9.49
CA ASP A 261 22.10 -4.98 -9.73
CA ASP A 261 22.11 -4.86 -9.72
C ASP A 261 21.88 -3.89 -10.78
C ASP A 261 21.85 -3.82 -10.81
N PHE A 262 21.11 -4.16 -11.84
CA PHE A 262 20.78 -3.16 -12.84
C PHE A 262 19.97 -2.04 -12.16
N LEU A 263 18.98 -2.45 -11.38
N LEU A 263 18.97 -2.45 -11.39
CA LEU A 263 18.03 -1.49 -10.77
CA LEU A 263 18.02 -1.47 -10.83
C LEU A 263 18.77 -0.51 -9.86
C LEU A 263 18.74 -0.52 -9.86
N LYS A 264 19.65 -1.05 -9.03
CA LYS A 264 20.25 -0.22 -7.95
C LYS A 264 21.28 0.75 -8.56
N HIS A 265 21.74 0.52 -9.79
CA HIS A 265 22.64 1.47 -10.46
C HIS A 265 21.93 2.32 -11.52
N ASN A 266 20.65 2.13 -11.83
CA ASN A 266 19.98 2.88 -12.91
C ASN A 266 18.72 3.60 -12.44
N ALA A 267 18.11 3.18 -11.34
CA ALA A 267 16.84 3.81 -10.87
C ALA A 267 17.14 5.18 -10.28
N ARG A 268 16.62 6.22 -10.91
CA ARG A 268 16.80 7.58 -10.42
C ARG A 268 16.29 7.77 -9.00
N SER A 269 15.23 7.06 -8.61
CA SER A 269 14.66 7.21 -7.26
C SER A 269 15.51 6.54 -6.17
N VAL A 270 16.55 5.79 -6.53
N VAL A 270 16.51 5.74 -6.56
CA VAL A 270 17.55 5.35 -5.52
CA VAL A 270 17.63 5.23 -5.70
C VAL A 270 18.90 6.04 -5.76
C VAL A 270 18.79 6.22 -5.77
N MET A 271 19.27 6.48 -6.98
CA MET A 271 20.55 7.16 -7.17
C MET A 271 20.50 8.59 -6.62
N PHE A 272 19.33 9.22 -6.65
CA PHE A 272 19.23 10.68 -6.42
C PHE A 272 18.30 10.99 -5.24
N SER A 273 18.22 10.09 -4.29
CA SER A 273 17.43 10.30 -3.06
C SER A 273 18.18 9.67 -1.91
N ALA A 274 18.17 10.36 -0.79
CA ALA A 274 18.93 9.95 0.40
C ALA A 274 18.38 8.61 0.94
N SER A 275 19.23 7.83 1.53
CA SER A 275 18.88 6.50 2.05
C SER A 275 17.97 6.54 3.29
N MET A 276 17.35 5.40 3.58
CA MET A 276 16.51 5.30 4.77
C MET A 276 17.28 5.66 6.04
N THR A 277 16.65 6.25 7.02
CA THR A 277 17.32 6.60 8.31
C THR A 277 17.65 5.31 9.00
N PRO A 278 18.71 5.31 9.83
CA PRO A 278 19.05 4.14 10.65
C PRO A 278 17.89 3.62 11.52
N ALA A 279 17.14 4.55 12.10
CA ALA A 279 16.00 4.17 12.96
C ALA A 279 14.96 3.35 12.18
N SER A 280 14.67 3.73 10.93
N SER A 280 14.70 3.76 10.93
CA SER A 280 13.67 3.00 10.14
CA SER A 280 13.72 3.09 10.05
C SER A 280 14.23 1.66 9.61
C SER A 280 14.23 1.72 9.61
N VAL A 281 15.54 1.59 9.32
CA VAL A 281 16.13 0.28 8.98
C VAL A 281 15.96 -0.68 10.16
N ALA A 282 16.31 -0.24 11.35
CA ALA A 282 16.24 -1.12 12.54
C ALA A 282 14.78 -1.44 12.85
N SER A 283 13.88 -0.46 12.72
CA SER A 283 12.47 -0.76 13.08
C SER A 283 11.96 -1.81 12.12
N THR A 284 12.30 -1.70 10.83
CA THR A 284 11.79 -2.63 9.80
C THR A 284 12.40 -4.01 10.06
N LEU A 285 13.70 -4.06 10.39
CA LEU A 285 14.35 -5.36 10.64
C LEU A 285 13.67 -6.07 11.80
N LYS A 286 13.38 -5.31 12.89
N LYS A 286 13.40 -5.36 12.89
CA LYS A 286 12.79 -5.87 14.16
CA LYS A 286 12.77 -6.03 14.06
C LYS A 286 11.33 -6.25 13.94
C LYS A 286 11.35 -6.43 13.69
N ALA A 287 10.59 -5.49 13.14
CA ALA A 287 9.22 -5.84 12.75
C ALA A 287 9.20 -7.11 11.90
N LEU A 288 10.12 -7.23 10.96
CA LEU A 288 10.18 -8.39 10.05
C LEU A 288 10.44 -9.67 10.89
N GLU A 289 11.34 -9.60 11.87
CA GLU A 289 11.58 -10.75 12.80
C GLU A 289 10.28 -11.12 13.49
N ILE A 290 9.57 -10.14 14.03
CA ILE A 290 8.38 -10.39 14.88
C ILE A 290 7.28 -11.01 14.01
N ILE A 291 7.05 -10.52 12.79
CA ILE A 291 5.95 -11.05 11.92
C ILE A 291 6.16 -12.55 11.69
N GLN A 292 7.41 -12.96 11.52
CA GLN A 292 7.77 -14.37 11.23
C GLN A 292 7.78 -15.23 12.48
N ASN A 293 8.25 -14.70 13.59
CA ASN A 293 8.52 -15.51 14.80
C ASN A 293 7.26 -15.62 15.63
N GLU A 294 6.32 -14.69 15.49
CA GLU A 294 5.13 -14.59 16.36
C GLU A 294 3.90 -14.70 15.47
N PRO A 295 3.46 -15.92 15.09
CA PRO A 295 2.31 -16.07 14.18
C PRO A 295 0.99 -15.49 14.71
N GLU A 296 0.92 -15.18 15.99
CA GLU A 296 -0.33 -14.73 16.64
C GLU A 296 -0.80 -13.41 16.02
N HIS A 297 0.13 -12.56 15.55
CA HIS A 297 -0.24 -11.20 15.04
C HIS A 297 -1.09 -11.37 13.79
N ILE A 298 -0.62 -12.09 12.79
CA ILE A 298 -1.42 -12.36 11.56
C ILE A 298 -2.73 -13.07 11.94
N GLU A 299 -2.63 -14.05 12.86
N GLU A 299 -2.69 -14.04 12.85
CA GLU A 299 -3.78 -14.86 13.36
CA GLU A 299 -3.91 -14.83 13.15
C GLU A 299 -4.89 -13.89 13.79
C GLU A 299 -4.95 -13.87 13.79
N LYS A 300 -4.53 -12.98 14.69
CA LYS A 300 -5.46 -12.04 15.36
C LYS A 300 -6.00 -11.00 14.37
N LEU A 301 -5.18 -10.55 13.42
CA LEU A 301 -5.65 -9.65 12.33
C LEU A 301 -6.82 -10.30 11.60
N TRP A 302 -6.69 -11.57 11.27
CA TRP A 302 -7.73 -12.28 10.49
C TRP A 302 -8.91 -12.66 11.38
N LYS A 303 -8.73 -12.93 12.66
CA LYS A 303 -9.93 -13.14 13.51
C LYS A 303 -10.73 -11.83 13.56
N ASN A 304 -10.04 -10.69 13.67
CA ASN A 304 -10.70 -9.38 13.79
C ASN A 304 -11.39 -9.10 12.44
N THR A 305 -10.71 -9.37 11.33
CA THR A 305 -11.26 -9.14 10.00
C THR A 305 -12.53 -10.01 9.84
N ASP A 306 -12.43 -11.30 10.13
CA ASP A 306 -13.58 -12.21 9.93
C ASP A 306 -14.74 -11.76 10.84
N TYR A 307 -14.46 -11.40 12.06
CA TYR A 307 -15.52 -10.97 12.99
C TYR A 307 -16.20 -9.69 12.51
N ALA A 308 -15.42 -8.67 12.17
CA ALA A 308 -15.97 -7.38 11.73
C ALA A 308 -16.76 -7.53 10.41
N LYS A 309 -16.28 -8.31 9.45
CA LYS A 309 -16.96 -8.46 8.13
C LYS A 309 -18.31 -9.13 8.41
N ALA A 310 -18.34 -10.17 9.23
CA ALA A 310 -19.58 -10.91 9.54
C ALA A 310 -20.55 -9.95 10.27
N GLN A 311 -20.08 -9.18 11.25
N GLN A 311 -20.06 -9.15 11.23
CA GLN A 311 -20.95 -8.21 11.98
CA GLN A 311 -20.91 -8.23 12.03
C GLN A 311 -21.49 -7.19 10.97
C GLN A 311 -21.41 -7.07 11.15
N LEU A 312 -20.62 -6.62 10.14
CA LEU A 312 -21.09 -5.61 9.17
C LEU A 312 -22.18 -6.21 8.25
N LEU A 313 -21.97 -7.42 7.74
CA LEU A 313 -22.97 -8.05 6.84
C LEU A 313 -24.25 -8.38 7.62
N ASP A 314 -24.15 -8.79 8.87
CA ASP A 314 -25.35 -9.06 9.70
C ASP A 314 -26.17 -7.79 9.87
N HIS A 315 -25.55 -6.63 9.96
CA HIS A 315 -26.26 -5.34 10.19
C HIS A 315 -26.74 -4.76 8.85
N GLY A 316 -26.48 -5.43 7.75
CA GLY A 316 -27.04 -5.03 6.45
C GLY A 316 -26.22 -4.01 5.69
N PHE A 317 -24.94 -3.83 6.01
CA PHE A 317 -24.06 -2.89 5.25
C PHE A 317 -23.69 -3.53 3.91
N ASP A 318 -23.55 -2.69 2.89
CA ASP A 318 -23.23 -3.08 1.50
C ASP A 318 -21.70 -3.05 1.39
N LEU A 319 -21.04 -4.20 1.36
CA LEU A 319 -19.57 -4.28 1.38
C LEU A 319 -19.05 -4.51 -0.04
N GLY A 320 -17.89 -3.98 -0.33
CA GLY A 320 -17.17 -4.30 -1.56
C GLY A 320 -16.57 -5.69 -1.51
N ALA A 321 -15.99 -6.12 -2.61
CA ALA A 321 -15.55 -7.50 -2.81
C ALA A 321 -14.14 -7.67 -2.23
N THR A 322 -14.04 -7.48 -0.94
CA THR A 322 -12.75 -7.54 -0.26
C THR A 322 -12.36 -8.99 -0.06
N GLU A 323 -11.03 -9.20 -0.01
CA GLU A 323 -10.41 -10.48 0.36
C GLU A 323 -9.29 -10.21 1.38
N SER A 324 -9.42 -9.11 2.12
CA SER A 324 -8.38 -8.59 3.00
C SER A 324 -8.98 -7.90 4.23
N PRO A 325 -8.14 -7.37 5.14
CA PRO A 325 -8.60 -6.60 6.30
C PRO A 325 -9.13 -5.20 5.98
N ILE A 326 -9.16 -4.84 4.70
CA ILE A 326 -9.83 -3.61 4.21
C ILE A 326 -11.32 -3.92 3.98
N LEU A 327 -12.21 -3.30 4.77
CA LEU A 327 -13.68 -3.51 4.57
C LEU A 327 -14.28 -2.24 3.97
N PRO A 328 -14.53 -2.22 2.66
CA PRO A 328 -15.10 -1.05 2.00
C PRO A 328 -16.62 -1.08 2.20
N ILE A 329 -17.15 0.00 2.74
CA ILE A 329 -18.59 0.08 3.08
C ILE A 329 -19.17 1.13 2.14
N PHE A 330 -19.95 0.71 1.17
CA PHE A 330 -20.61 1.60 0.18
C PHE A 330 -21.62 2.55 0.83
N ILE A 331 -21.56 3.81 0.40
CA ILE A 331 -22.51 4.87 0.77
C ILE A 331 -23.20 5.43 -0.49
N ARG A 332 -22.47 5.61 -1.59
CA ARG A 332 -22.96 5.90 -2.96
C ARG A 332 -23.51 7.33 -3.09
N SER A 333 -23.02 8.23 -2.23
CA SER A 333 -23.26 9.69 -2.32
C SER A 333 -22.03 10.41 -1.78
N ASN A 334 -21.49 11.36 -2.52
CA ASN A 334 -20.29 12.09 -2.02
C ASN A 334 -20.67 12.87 -0.77
N GLU A 335 -21.75 13.65 -0.85
CA GLU A 335 -22.23 14.42 0.31
C GLU A 335 -22.42 13.51 1.54
N LYS A 336 -23.08 12.38 1.39
CA LYS A 336 -23.33 11.51 2.56
C LYS A 336 -22.00 10.92 3.08
N THR A 337 -21.08 10.63 2.17
CA THR A 337 -19.75 10.07 2.52
C THR A 337 -18.99 11.07 3.39
N PHE A 338 -18.98 12.35 3.01
CA PHE A 338 -18.31 13.38 3.83
C PHE A 338 -19.03 13.52 5.16
N TRP A 339 -20.37 13.56 5.15
CA TRP A 339 -21.18 13.75 6.36
C TRP A 339 -20.88 12.59 7.33
N VAL A 340 -21.00 11.35 6.82
CA VAL A 340 -20.83 10.14 7.66
C VAL A 340 -19.42 10.17 8.26
N THR A 341 -18.42 10.56 7.47
CA THR A 341 -17.01 10.56 7.92
C THR A 341 -16.87 11.52 9.09
N LYS A 342 -17.42 12.72 8.94
CA LYS A 342 -17.27 13.76 9.97
C LYS A 342 -18.11 13.43 11.20
N MET A 343 -19.35 12.94 11.02
CA MET A 343 -20.18 12.51 12.16
C MET A 343 -19.51 11.40 12.97
N LEU A 344 -18.88 10.45 12.29
CA LEU A 344 -18.17 9.37 12.99
C LEU A 344 -16.99 9.94 13.75
N GLN A 345 -16.23 10.87 13.13
CA GLN A 345 -15.09 11.52 13.82
C GLN A 345 -15.58 12.18 15.12
N ASP A 346 -16.69 12.90 15.04
CA ASP A 346 -17.23 13.68 16.18
C ASP A 346 -17.78 12.71 17.24
N ASP A 347 -18.13 11.48 16.85
CA ASP A 347 -18.53 10.42 17.83
C ASP A 347 -17.36 9.47 18.15
N GLY A 348 -16.11 9.77 17.80
CA GLY A 348 -14.94 9.03 18.29
C GLY A 348 -14.60 7.83 17.45
N VAL A 349 -14.90 7.85 16.14
CA VAL A 349 -14.57 6.75 15.20
C VAL A 349 -13.93 7.33 13.95
N PHE A 350 -12.73 6.83 13.64
CA PHE A 350 -11.92 7.33 12.47
C PHE A 350 -12.02 6.27 11.37
N VAL A 351 -12.64 6.65 10.25
CA VAL A 351 -12.65 5.90 8.98
C VAL A 351 -12.21 6.82 7.82
N ASN A 352 -11.86 6.22 6.70
CA ASN A 352 -11.33 6.98 5.55
C ASN A 352 -12.38 7.05 4.47
N PRO A 353 -12.68 8.26 3.94
CA PRO A 353 -13.66 8.36 2.86
C PRO A 353 -12.97 8.17 1.52
N VAL A 354 -13.74 7.65 0.55
CA VAL A 354 -13.37 7.53 -0.88
C VAL A 354 -14.52 8.16 -1.68
N VAL A 355 -14.18 9.23 -2.42
CA VAL A 355 -15.18 10.16 -3.05
C VAL A 355 -14.72 10.53 -4.45
N SER A 356 -15.63 11.14 -5.23
CA SER A 356 -15.27 11.78 -6.53
C SER A 356 -14.29 12.91 -6.25
N PRO A 357 -13.31 13.16 -7.14
CA PRO A 357 -13.21 12.49 -8.44
C PRO A 357 -12.43 11.17 -8.49
N ALA A 358 -11.90 10.67 -7.36
CA ALA A 358 -11.23 9.35 -7.29
C ALA A 358 -12.17 8.23 -7.78
N VAL A 359 -13.43 8.21 -7.33
CA VAL A 359 -14.46 7.23 -7.79
C VAL A 359 -15.70 8.00 -8.21
N PRO A 360 -16.59 7.34 -9.00
CA PRO A 360 -17.91 7.88 -9.28
C PRO A 360 -18.76 8.03 -8.01
N ALA A 361 -19.59 9.07 -7.97
CA ALA A 361 -20.41 9.39 -6.80
C ALA A 361 -21.12 8.12 -6.31
N GLU A 362 -21.64 7.31 -7.23
CA GLU A 362 -22.51 6.15 -6.90
C GLU A 362 -21.70 5.00 -6.28
N GLU A 363 -20.37 5.12 -6.30
CA GLU A 363 -19.41 4.13 -5.73
C GLU A 363 -18.64 4.71 -4.52
N SER A 364 -18.99 5.91 -4.07
CA SER A 364 -18.35 6.52 -2.88
C SER A 364 -18.54 5.61 -1.65
N LEU A 365 -17.53 5.53 -0.78
CA LEU A 365 -17.58 4.56 0.34
C LEU A 365 -16.70 5.04 1.50
N ILE A 366 -16.81 4.41 2.66
CA ILE A 366 -15.78 4.58 3.72
C ILE A 366 -15.00 3.26 3.79
N ARG A 367 -13.72 3.34 4.14
CA ARG A 367 -12.87 2.16 4.31
C ARG A 367 -12.64 1.97 5.79
N PHE A 368 -13.00 0.79 6.31
CA PHE A 368 -12.87 0.38 7.70
C PHE A 368 -11.81 -0.74 7.69
N SER A 369 -10.65 -0.46 8.25
CA SER A 369 -9.47 -1.34 8.19
C SER A 369 -9.21 -1.90 9.60
N LEU A 370 -8.91 -3.21 9.62
CA LEU A 370 -8.60 -3.86 10.91
C LEU A 370 -7.10 -3.90 11.20
N MET A 371 -6.78 -3.91 12.47
CA MET A 371 -5.43 -4.16 13.03
C MET A 371 -5.52 -5.39 13.93
N ALA A 372 -4.43 -6.11 14.02
CA ALA A 372 -4.32 -7.28 14.94
C ALA A 372 -4.68 -6.85 16.34
N THR A 373 -4.33 -5.64 16.75
CA THR A 373 -4.46 -5.17 18.14
C THR A 373 -5.87 -4.67 18.47
N HIS A 374 -6.76 -4.58 17.49
CA HIS A 374 -8.18 -4.26 17.80
C HIS A 374 -8.75 -5.36 18.70
N THR A 375 -9.68 -4.96 19.54
CA THR A 375 -10.51 -5.90 20.36
C THR A 375 -11.88 -6.05 19.71
N TYR A 376 -12.58 -7.18 19.96
CA TYR A 376 -14.00 -7.29 19.56
C TYR A 376 -14.83 -6.16 20.20
N ASP A 377 -14.54 -5.75 21.42
CA ASP A 377 -15.26 -4.63 22.07
C ASP A 377 -15.15 -3.37 21.21
N GLN A 378 -13.93 -3.02 20.75
CA GLN A 378 -13.75 -1.77 19.97
C GLN A 378 -14.51 -1.90 18.66
N ILE A 379 -14.44 -3.06 18.05
CA ILE A 379 -15.15 -3.31 16.79
C ILE A 379 -16.64 -3.08 17.05
N ASP A 380 -17.16 -3.67 18.12
CA ASP A 380 -18.61 -3.57 18.39
C ASP A 380 -18.98 -2.11 18.62
N GLU A 381 -18.14 -1.34 19.32
CA GLU A 381 -18.44 0.09 19.58
C GLU A 381 -18.44 0.88 18.25
N ALA A 382 -17.46 0.65 17.39
CA ALA A 382 -17.41 1.33 16.09
C ALA A 382 -18.62 0.99 15.22
N ILE A 383 -18.97 -0.30 15.10
CA ILE A 383 -20.13 -0.71 14.26
C ILE A 383 -21.43 -0.18 14.89
N GLU A 384 -21.55 -0.15 16.22
CA GLU A 384 -22.73 0.46 16.90
C GLU A 384 -22.87 1.90 16.39
N LYS A 385 -21.77 2.64 16.47
CA LYS A 385 -21.78 4.08 16.06
C LYS A 385 -22.03 4.27 14.57
N MET A 386 -21.55 3.35 13.73
N MET A 386 -21.58 3.35 13.69
CA MET A 386 -21.74 3.43 12.28
CA MET A 386 -21.77 3.44 12.21
C MET A 386 -23.22 3.19 11.96
C MET A 386 -23.24 3.12 11.88
N VAL A 387 -23.85 2.22 12.65
CA VAL A 387 -25.31 1.98 12.47
C VAL A 387 -26.07 3.27 12.81
N LYS A 388 -25.76 3.93 13.92
CA LYS A 388 -26.43 5.19 14.40
C LYS A 388 -26.21 6.26 13.32
N VAL A 389 -24.97 6.42 12.84
CA VAL A 389 -24.71 7.53 11.90
C VAL A 389 -25.32 7.24 10.55
N PHE A 390 -25.30 6.00 10.08
CA PHE A 390 -25.91 5.65 8.76
C PHE A 390 -27.43 5.93 8.89
N LYS A 391 -28.00 5.70 10.06
CA LYS A 391 -29.45 6.02 10.26
C LYS A 391 -29.65 7.54 10.19
N GLN A 392 -28.89 8.29 10.98
CA GLN A 392 -28.99 9.77 11.05
C GLN A 392 -28.85 10.35 9.64
N ALA A 393 -27.95 9.78 8.84
CA ALA A 393 -27.59 10.28 7.49
C ALA A 393 -28.63 9.85 6.46
N GLU A 394 -29.52 8.92 6.79
CA GLU A 394 -30.57 8.42 5.87
C GLU A 394 -29.93 7.77 4.62
N VAL A 395 -28.95 6.88 4.78
CA VAL A 395 -28.22 6.20 3.67
C VAL A 395 -29.18 5.23 2.97
C1 EDO B . 10.55 -15.35 -12.24
O1 EDO B . 11.50 -16.42 -12.05
C2 EDO B . 9.81 -15.42 -13.54
O2 EDO B . 10.62 -15.07 -14.64
C1 EDO C . -19.11 19.69 -0.30
O1 EDO C . -19.60 21.03 -0.32
C2 EDO C . -19.66 18.82 0.77
O2 EDO C . -20.73 17.95 0.38
C1 EDO D . 5.15 -6.28 23.26
O1 EDO D . 6.39 -6.44 22.62
C2 EDO D . 4.46 -5.03 22.84
O2 EDO D . 5.17 -3.87 23.24
C1 EDO E . -30.37 -1.33 14.81
O1 EDO E . -30.40 -0.68 16.08
C2 EDO E . -29.37 -2.43 14.69
O2 EDO E . -28.54 -2.61 15.81
C1 EDO F . -11.37 5.06 25.79
O1 EDO F . -11.10 6.32 26.28
C2 EDO F . -11.61 4.06 26.84
O2 EDO F . -12.63 3.18 26.43
C1 EDO G . -11.81 15.94 -1.21
O1 EDO G . -11.62 14.55 -1.19
C2 EDO G . -10.56 16.70 -0.86
O2 EDO G . -9.82 17.17 -1.96
C1 EDO H . 12.34 -10.64 17.99
O1 EDO H . 13.16 -11.46 17.16
C2 EDO H . 11.13 -11.33 18.52
O2 EDO H . 10.73 -12.45 17.76
#